data_5GWA
#
_entry.id   5GWA
#
_cell.length_a   95.939
_cell.length_b   68.120
_cell.length_c   45.330
_cell.angle_alpha   90.00
_cell.angle_beta   94.53
_cell.angle_gamma   90.00
#
_symmetry.space_group_name_H-M   'C 1 2 1'
#
loop_
_entity.id
_entity.type
_entity.pdbx_description
1 polymer Beta-lactamase
2 non-polymer (2S,5R)-1-formyl-5-[(sulfooxy)amino]piperidine-2-carboxamide
3 non-polymer 'SULFATE ION'
4 non-polymer 'CHLORIDE ION'
5 non-polymer 'SODIUM ION'
6 non-polymer GLYCEROL
7 water water
#
_entity_poly.entity_id   1
_entity_poly.type   'polypeptide(L)'
_entity_poly.pdbx_seq_one_letter_code
;AKGTDSLKNSIEKYLKDKKAKVGVAVLGIEDNFKLNVNEKHHYPMQSTYKFHLALAVLDKLDKENISVDKKLFVKKSDLQ
PNTWSPLKDKYPNGNLELSFSEIIKSTVSHSDNNGCDILFRFVGGTNKVHNFISKLGVKNISIKATEEEMHKAWNVQYTN
WTTPDATVQLLKKFYKNEILSKNSYDFLLNTMIETTTGPKRLKGLLPDGTVVAHKTGSSDTNNKGITAATNDIGIITLPN
GKHFAIAVYVSDSSEKSDVNEKIIAEICKSVWDYLVKDGK
;
_entity_poly.pdbx_strand_id   A
#
loop_
_chem_comp.id
_chem_comp.type
_chem_comp.name
_chem_comp.formula
CL non-polymer 'CHLORIDE ION' 'Cl -1'
GOL non-polymer GLYCEROL 'C3 H8 O3'
NA non-polymer 'SODIUM ION' 'Na 1'
NXL non-polymer (2S,5R)-1-formyl-5-[(sulfooxy)amino]piperidine-2-carboxamide 'C7 H13 N3 O6 S'
SO4 non-polymer 'SULFATE ION' 'O4 S -2'
#
# COMPACT_ATOMS: atom_id res chain seq x y z
N GLY A 3 12.88 23.84 -10.68
CA GLY A 3 12.90 22.48 -11.31
C GLY A 3 11.90 21.54 -10.66
N THR A 4 12.08 21.30 -9.36
CA THR A 4 11.06 20.61 -8.55
C THR A 4 9.74 21.37 -8.52
N ASP A 5 9.82 22.68 -8.44
CA ASP A 5 8.61 23.50 -8.54
C ASP A 5 7.94 23.36 -9.89
N SER A 6 8.74 23.24 -10.95
CA SER A 6 8.23 23.08 -12.30
C SER A 6 7.50 21.73 -12.48
N LEU A 7 8.09 20.67 -11.97
CA LEU A 7 7.47 19.34 -11.97
C LEU A 7 6.14 19.37 -11.22
N LYS A 8 6.13 19.98 -10.05
CA LYS A 8 4.89 20.19 -9.33
C LYS A 8 3.81 20.91 -10.17
N ASN A 9 4.19 22.01 -10.83
CA ASN A 9 3.24 22.76 -11.65
C ASN A 9 2.72 21.90 -12.81
N SER A 10 3.57 21.05 -13.36
CA SER A 10 3.14 20.16 -14.43
C SER A 10 2.10 19.17 -13.94
N ILE A 11 2.31 18.66 -12.74
CA ILE A 11 1.40 17.65 -12.19
C ILE A 11 0.05 18.30 -11.86
N GLU A 12 0.11 19.50 -11.29
CA GLU A 12 -1.08 20.26 -10.97
C GLU A 12 -1.89 20.60 -12.23
N LYS A 13 -1.19 20.87 -13.34
CA LYS A 13 -1.87 21.20 -14.58
C LYS A 13 -2.55 19.97 -15.18
N TYR A 14 -1.84 18.84 -15.12
CA TYR A 14 -2.42 17.55 -15.51
C TYR A 14 -3.72 17.21 -14.76
N LEU A 15 -3.74 17.56 -13.48
CA LEU A 15 -4.83 17.23 -12.63
C LEU A 15 -6.05 18.15 -12.78
N LYS A 16 -5.85 19.28 -13.48
CA LYS A 16 -6.89 20.29 -13.60
C LYS A 16 -8.23 19.77 -14.12
N ASP A 17 -8.20 18.90 -15.13
CA ASP A 17 -9.44 18.41 -15.73
C ASP A 17 -9.83 17.01 -15.32
N LYS A 18 -9.20 16.51 -14.25
CA LYS A 18 -9.55 15.19 -13.75
C LYS A 18 -10.51 15.35 -12.60
N LYS A 19 -11.64 14.67 -12.69
CA LYS A 19 -12.72 14.78 -11.71
C LYS A 19 -12.45 13.83 -10.56
N ALA A 20 -11.45 14.18 -9.77
CA ALA A 20 -11.01 13.41 -8.62
C ALA A 20 -10.13 14.28 -7.77
N LYS A 21 -10.03 13.89 -6.50
CA LYS A 21 -9.13 14.54 -5.54
C LYS A 21 -7.90 13.66 -5.45
N VAL A 22 -6.79 14.15 -5.96
CA VAL A 22 -5.60 13.29 -6.12
C VAL A 22 -4.50 13.79 -5.20
N GLY A 23 -4.08 12.93 -4.28
CA GLY A 23 -2.98 13.25 -3.38
C GLY A 23 -1.70 12.61 -3.85
N VAL A 24 -0.63 13.39 -3.85
CA VAL A 24 0.66 12.91 -4.35
C VAL A 24 1.76 13.24 -3.35
N ALA A 25 2.65 12.29 -3.05
CA ALA A 25 3.89 12.62 -2.35
C ALA A 25 5.02 11.81 -2.94
N VAL A 26 6.20 12.44 -2.94
CA VAL A 26 7.43 11.84 -3.41
C VAL A 26 8.52 12.23 -2.43
N LEU A 27 9.36 11.27 -2.07
CA LEU A 27 10.54 11.54 -1.25
C LEU A 27 11.71 10.75 -1.80
N GLY A 28 12.83 11.42 -2.07
CA GLY A 28 14.04 10.69 -2.42
C GLY A 28 14.52 9.84 -1.24
N ILE A 29 15.11 8.68 -1.53
CA ILE A 29 15.60 7.82 -0.48
C ILE A 29 16.98 8.26 -0.03
N GLU A 30 17.84 8.51 -1.01
CA GLU A 30 19.23 8.83 -0.74
C GLU A 30 19.47 10.35 -0.75
N ASP A 31 18.65 11.10 -1.46
CA ASP A 31 18.87 12.55 -1.55
C ASP A 31 17.66 13.30 -0.96
N ASN A 32 17.64 14.62 -1.11
CA ASN A 32 16.68 15.46 -0.39
C ASN A 32 15.44 15.83 -1.17
N PHE A 33 15.22 15.15 -2.29
CA PHE A 33 14.10 15.46 -3.16
C PHE A 33 12.78 15.24 -2.45
N LYS A 34 11.89 16.21 -2.60
CA LYS A 34 10.60 16.17 -1.90
C LYS A 34 9.56 16.90 -2.74
N LEU A 35 8.40 16.26 -2.97
CA LEU A 35 7.31 16.89 -3.70
C LEU A 35 6.00 16.43 -3.09
N ASN A 36 5.10 17.38 -2.82
CA ASN A 36 3.77 17.09 -2.27
C ASN A 36 2.73 17.83 -3.08
N VAL A 37 1.61 17.17 -3.37
CA VAL A 37 0.45 17.77 -4.02
C VAL A 37 -0.81 17.36 -3.27
N ASN A 38 -1.63 18.33 -2.88
CA ASN A 38 -2.88 18.07 -2.20
C ASN A 38 -2.69 17.22 -0.95
N GLU A 39 -1.59 17.45 -0.25
CA GLU A 39 -1.15 16.53 0.78
C GLU A 39 -1.81 16.68 2.15
N LYS A 40 -2.55 17.77 2.35
CA LYS A 40 -3.13 18.01 3.66
C LYS A 40 -4.50 17.33 3.80
N HIS A 41 -5.02 16.74 2.74
CA HIS A 41 -6.25 16.00 2.80
C HIS A 41 -6.04 14.62 3.38
N HIS A 42 -7.14 13.95 3.74
CA HIS A 42 -7.11 12.59 4.25
C HIS A 42 -7.66 11.66 3.18
N TYR A 43 -6.85 10.70 2.76
CA TYR A 43 -7.21 9.83 1.68
C TYR A 43 -7.46 8.42 2.22
N PRO A 44 -8.48 7.74 1.70
CA PRO A 44 -8.72 6.40 2.14
C PRO A 44 -7.67 5.46 1.57
N MET A 45 -7.08 4.67 2.46
CA MET A 45 -5.94 3.83 2.09
C MET A 45 -6.32 2.58 1.27
N GLN A 46 -7.49 2.01 1.57
CA GLN A 46 -7.92 0.66 1.16
C GLN A 46 -6.74 -0.29 1.34
N SER A 47 -6.39 -1.08 0.33
CA SER A 47 -5.46 -2.17 0.55
C SER A 47 -4.01 -1.72 0.77
N THR A 48 -3.71 -0.43 0.60
CA THR A 48 -2.34 0.03 0.82
C THR A 48 -1.93 -0.13 2.28
N TYR A 49 -2.90 -0.22 3.18
CA TYR A 49 -2.56 -0.40 4.58
C TYR A 49 -2.07 -1.76 4.95
N LYS A 50 -2.07 -2.69 3.99
CA LYS A 50 -1.51 -4.02 4.22
C LYS A 50 0.03 -3.92 4.32
N PHE A 51 0.61 -2.88 3.73
CA PHE A 51 2.04 -2.60 3.97
C PHE A 51 2.29 -2.38 5.45
N HIS A 52 1.48 -1.53 6.05
CA HIS A 52 1.66 -1.11 7.44
C HIS A 52 1.45 -2.37 8.28
N LEU A 53 0.41 -3.14 7.95
CA LEU A 53 0.13 -4.39 8.65
C LEU A 53 1.31 -5.36 8.63
N ALA A 54 1.96 -5.46 7.47
CA ALA A 54 3.07 -6.37 7.27
C ALA A 54 4.26 -5.93 8.13
N LEU A 55 4.51 -4.63 8.17
CA LEU A 55 5.53 -4.09 9.09
C LEU A 55 5.28 -4.54 10.51
N ALA A 56 4.05 -4.37 11.01
CA ALA A 56 3.76 -4.69 12.40
C ALA A 56 3.90 -6.21 12.62
N VAL A 57 3.35 -6.98 11.69
CA VAL A 57 3.49 -8.45 11.80
C VAL A 57 4.94 -8.92 11.84
N LEU A 58 5.76 -8.41 10.94
CA LEU A 58 7.13 -8.91 10.84
C LEU A 58 7.94 -8.44 12.05
N ASP A 59 7.61 -7.27 12.57
CA ASP A 59 8.23 -6.81 13.83
C ASP A 59 7.91 -7.77 14.96
N LYS A 60 6.62 -8.14 15.06
CA LYS A 60 6.19 -9.04 16.11
C LYS A 60 6.93 -10.37 15.98
N LEU A 61 7.04 -10.90 14.77
CA LEU A 61 7.75 -12.15 14.56
C LEU A 61 9.22 -11.95 14.94
N ASP A 62 9.81 -10.85 14.51
CA ASP A 62 11.23 -10.54 14.83
C ASP A 62 11.37 -10.53 16.36
N LYS A 63 10.59 -9.70 17.05
CA LYS A 63 10.83 -9.46 18.47
C LYS A 63 10.61 -10.70 19.28
N GLU A 64 9.56 -11.44 18.93
CA GLU A 64 9.17 -12.58 19.74
C GLU A 64 9.87 -13.84 19.28
N ASN A 65 10.83 -13.70 18.36
CA ASN A 65 11.64 -14.82 17.89
CA ASN A 65 11.63 -14.81 17.87
C ASN A 65 10.79 -15.92 17.27
N ILE A 66 9.73 -15.53 16.54
CA ILE A 66 8.90 -16.47 15.82
C ILE A 66 9.28 -16.51 14.36
N SER A 67 9.65 -17.69 13.88
CA SER A 67 10.08 -17.88 12.53
C SER A 67 8.91 -17.70 11.56
N VAL A 68 9.20 -17.12 10.42
CA VAL A 68 8.18 -16.85 9.40
C VAL A 68 7.69 -18.14 8.74
N ASP A 69 8.41 -19.23 8.94
CA ASP A 69 7.99 -20.50 8.44
C ASP A 69 7.04 -21.26 9.38
N LYS A 70 6.85 -20.75 10.57
CA LYS A 70 5.83 -21.28 11.47
C LYS A 70 4.44 -21.04 10.86
N LYS A 71 3.50 -21.88 11.24
CA LYS A 71 2.18 -21.92 10.58
C LYS A 71 1.01 -21.64 11.50
N LEU A 72 0.09 -20.81 10.99
CA LEU A 72 -1.23 -20.63 11.57
C LEU A 72 -2.21 -21.68 11.08
N PHE A 73 -3.16 -22.08 11.93
CA PHE A 73 -4.27 -22.86 11.43
C PHE A 73 -5.34 -21.93 10.89
N VAL A 74 -5.56 -21.99 9.57
CA VAL A 74 -6.53 -21.14 8.92
C VAL A 74 -7.84 -21.89 8.78
N LYS A 75 -8.80 -21.49 9.60
CA LYS A 75 -10.14 -22.09 9.59
C LYS A 75 -10.85 -21.78 8.30
N LYS A 76 -11.82 -22.60 7.93
CA LYS A 76 -12.65 -22.27 6.77
C LYS A 76 -13.33 -20.90 6.96
N SER A 77 -13.75 -20.59 8.17
CA SER A 77 -14.42 -19.33 8.43
C SER A 77 -13.48 -18.12 8.37
N ASP A 78 -12.17 -18.37 8.39
CA ASP A 78 -11.15 -17.31 8.22
C ASP A 78 -11.04 -16.97 6.73
N LEU A 79 -11.48 -17.89 5.86
CA LEU A 79 -11.51 -17.64 4.41
C LEU A 79 -12.91 -17.36 3.94
N GLN A 80 -13.35 -16.12 4.17
CA GLN A 80 -14.71 -15.71 3.80
CA GLN A 80 -14.71 -15.73 3.81
C GLN A 80 -14.84 -15.60 2.29
N PRO A 81 -16.03 -15.91 1.75
CA PRO A 81 -16.26 -15.91 0.29
C PRO A 81 -16.49 -14.58 -0.45
N ASN A 82 -17.11 -13.58 0.18
CA ASN A 82 -17.49 -12.33 -0.52
C ASN A 82 -16.43 -11.27 -0.40
N THR A 83 -15.20 -11.64 -0.73
CA THR A 83 -14.16 -10.69 -0.71
C THR A 83 -13.07 -11.18 -1.64
N TRP A 84 -12.27 -10.29 -2.15
CA TRP A 84 -11.13 -10.66 -2.96
C TRP A 84 -10.17 -11.55 -2.18
N SER A 85 -9.91 -12.76 -2.69
CA SER A 85 -9.07 -13.70 -1.93
C SER A 85 -8.52 -14.83 -2.78
N PRO A 86 -7.34 -14.62 -3.34
CA PRO A 86 -6.65 -15.75 -3.94
C PRO A 86 -6.44 -16.92 -2.98
N LEU A 87 -6.19 -16.69 -1.70
CA LEU A 87 -6.04 -17.80 -0.76
C LEU A 87 -7.25 -18.69 -0.75
N LYS A 88 -8.44 -18.08 -0.74
CA LYS A 88 -9.65 -18.86 -0.69
C LYS A 88 -9.77 -19.71 -1.94
N ASP A 89 -9.54 -19.15 -3.12
CA ASP A 89 -9.65 -19.99 -4.30
C ASP A 89 -8.60 -21.11 -4.34
N LYS A 90 -7.44 -20.85 -3.76
CA LYS A 90 -6.39 -21.87 -3.68
C LYS A 90 -6.78 -22.99 -2.70
N TYR A 91 -7.45 -22.62 -1.60
CA TYR A 91 -7.74 -23.57 -0.51
C TYR A 91 -9.20 -23.47 -0.16
N PRO A 92 -10.08 -23.96 -1.03
CA PRO A 92 -11.50 -23.74 -0.83
C PRO A 92 -12.14 -24.41 0.39
N ASN A 93 -11.49 -25.44 0.93
CA ASN A 93 -11.95 -26.09 2.14
C ASN A 93 -11.38 -25.44 3.39
N GLY A 94 -10.41 -24.56 3.21
CA GLY A 94 -9.66 -24.08 4.34
C GLY A 94 -9.31 -25.20 5.30
N ASN A 95 -9.36 -24.86 6.59
CA ASN A 95 -8.96 -25.79 7.65
C ASN A 95 -7.61 -26.43 7.39
N LEU A 96 -6.60 -25.58 7.27
CA LEU A 96 -5.26 -26.04 7.01
C LEU A 96 -4.21 -25.13 7.61
N GLU A 97 -3.00 -25.67 7.79
CA GLU A 97 -1.88 -24.93 8.34
C GLU A 97 -1.21 -24.18 7.21
N LEU A 98 -1.03 -22.87 7.37
CA LEU A 98 -0.29 -22.03 6.38
C LEU A 98 0.77 -21.21 7.13
N SER A 99 1.94 -21.08 6.53
CA SER A 99 3.00 -20.31 7.16
C SER A 99 2.70 -18.84 7.15
N PHE A 100 3.29 -18.12 8.09
CA PHE A 100 3.24 -16.67 8.07
C PHE A 100 3.77 -16.19 6.71
N SER A 101 4.88 -16.78 6.25
CA SER A 101 5.44 -16.41 4.94
C SER A 101 4.40 -16.46 3.81
N GLU A 102 3.71 -17.57 3.69
CA GLU A 102 2.75 -17.76 2.61
C GLU A 102 1.62 -16.74 2.79
N ILE A 103 1.16 -16.57 3.99
CA ILE A 103 0.02 -15.66 4.23
C ILE A 103 0.42 -14.22 3.91
N ILE A 104 1.61 -13.81 4.37
CA ILE A 104 2.06 -12.45 4.08
C ILE A 104 2.27 -12.21 2.58
N LYS A 105 2.82 -13.19 1.85
CA LYS A 105 3.05 -13.04 0.42
C LYS A 105 1.73 -12.87 -0.29
N SER A 106 0.72 -13.65 0.09
CA SER A 106 -0.58 -13.48 -0.55
C SER A 106 -1.20 -12.11 -0.23
N THR A 107 -1.12 -11.75 1.05
CA THR A 107 -1.72 -10.51 1.56
C THR A 107 -1.12 -9.29 0.89
N VAL A 108 0.21 -9.29 0.71
CA VAL A 108 0.90 -8.11 0.18
C VAL A 108 1.00 -8.17 -1.34
N SER A 109 1.52 -9.26 -1.92
CA SER A 109 1.77 -9.30 -3.39
C SER A 109 0.48 -9.47 -4.15
N HIS A 110 -0.49 -10.18 -3.59
CA HIS A 110 -1.75 -10.45 -4.26
C HIS A 110 -2.94 -9.78 -3.55
N SER A 111 -2.66 -8.97 -2.54
CA SER A 111 -3.69 -8.21 -1.83
C SER A 111 -4.83 -9.04 -1.29
N ASP A 112 -4.56 -10.26 -0.84
CA ASP A 112 -5.63 -11.04 -0.23
C ASP A 112 -6.30 -10.37 0.95
N ASN A 113 -7.62 -10.31 0.95
CA ASN A 113 -8.34 -9.67 2.07
C ASN A 113 -8.46 -10.57 3.29
N ASN A 114 -8.62 -11.88 3.07
CA ASN A 114 -8.70 -12.83 4.19
C ASN A 114 -7.37 -12.91 4.91
N GLY A 115 -6.27 -12.95 4.14
CA GLY A 115 -4.93 -12.99 4.73
C GLY A 115 -4.69 -11.74 5.57
N CYS A 116 -5.16 -10.60 5.09
CA CYS A 116 -5.07 -9.34 5.82
C CYS A 116 -5.72 -9.49 7.21
N ASP A 117 -6.94 -9.96 7.24
CA ASP A 117 -7.67 -10.04 8.49
C ASP A 117 -7.16 -11.13 9.41
N ILE A 118 -6.68 -12.23 8.85
CA ILE A 118 -5.98 -13.28 9.63
C ILE A 118 -4.75 -12.69 10.35
N LEU A 119 -4.03 -11.84 9.64
CA LEU A 119 -2.85 -11.20 10.20
C LEU A 119 -3.20 -10.09 11.21
N PHE A 120 -4.26 -9.32 10.99
CA PHE A 120 -4.76 -8.37 12.01
C PHE A 120 -5.08 -9.11 13.30
N ARG A 121 -5.71 -10.27 13.17
CA ARG A 121 -6.00 -11.05 14.38
C ARG A 121 -4.75 -11.56 15.08
N PHE A 122 -3.80 -12.06 14.31
CA PHE A 122 -2.51 -12.52 14.84
C PHE A 122 -1.77 -11.41 15.59
N VAL A 123 -1.72 -10.22 15.02
CA VAL A 123 -0.88 -9.15 15.55
C VAL A 123 -1.56 -8.44 16.71
N GLY A 124 -2.87 -8.66 16.88
CA GLY A 124 -3.63 -8.18 18.03
C GLY A 124 -4.61 -7.04 17.75
N GLY A 125 -4.89 -6.79 16.47
CA GLY A 125 -5.97 -5.91 16.05
C GLY A 125 -5.50 -4.64 15.34
N THR A 126 -6.46 -3.87 14.82
CA THR A 126 -6.16 -2.65 14.09
C THR A 126 -5.48 -1.65 15.01
N ASN A 127 -5.91 -1.58 16.29
CA ASN A 127 -5.29 -0.60 17.21
C ASN A 127 -3.83 -0.87 17.46
N LYS A 128 -3.43 -2.13 17.51
CA LYS A 128 -2.02 -2.49 17.65
CA LYS A 128 -2.01 -2.51 17.63
C LYS A 128 -1.23 -1.94 16.47
N VAL A 129 -1.80 -2.05 15.27
CA VAL A 129 -1.03 -1.68 14.10
C VAL A 129 -0.97 -0.14 13.96
N HIS A 130 -2.07 0.51 14.31
CA HIS A 130 -2.17 1.96 14.38
C HIS A 130 -1.09 2.49 15.32
N ASN A 131 -1.04 1.94 16.51
CA ASN A 131 -0.03 2.41 17.48
C ASN A 131 1.40 2.15 17.03
N PHE A 132 1.64 0.97 16.48
CA PHE A 132 2.96 0.60 16.01
C PHE A 132 3.47 1.64 15.05
N ILE A 133 2.62 1.97 14.09
CA ILE A 133 3.00 2.95 13.08
C ILE A 133 3.24 4.31 13.69
N SER A 134 2.32 4.77 14.52
CA SER A 134 2.47 6.05 15.21
C SER A 134 3.81 6.11 15.95
N LYS A 135 4.20 5.01 16.57
CA LYS A 135 5.43 5.01 17.38
C LYS A 135 6.73 4.93 16.59
N LEU A 136 6.62 4.71 15.29
CA LEU A 136 7.76 4.87 14.41
C LEU A 136 8.12 6.36 14.19
N GLY A 137 7.23 7.25 14.66
CA GLY A 137 7.37 8.68 14.45
C GLY A 137 6.74 9.21 13.18
N VAL A 138 5.76 8.49 12.65
CA VAL A 138 5.02 8.94 11.46
C VAL A 138 3.60 9.30 11.85
N LYS A 139 3.29 10.60 11.80
CA LYS A 139 1.97 11.08 12.14
CA LYS A 139 1.95 11.05 12.15
C LYS A 139 1.05 10.95 10.92
N ASN A 140 -0.23 11.18 11.11
CA ASN A 140 -1.20 11.35 9.99
C ASN A 140 -1.46 10.06 9.26
N ILE A 141 -1.48 8.96 10.00
CA ILE A 141 -2.00 7.70 9.52
C ILE A 141 -2.99 7.17 10.55
N SER A 142 -4.15 6.72 10.08
CA SER A 142 -5.20 6.20 10.95
C SER A 142 -5.57 4.80 10.50
N ILE A 143 -5.39 3.82 11.39
CA ILE A 143 -5.76 2.42 11.10
C ILE A 143 -6.82 2.02 12.11
N LYS A 144 -8.01 1.76 11.58
CA LYS A 144 -9.20 1.58 12.42
C LYS A 144 -10.03 0.35 12.08
N ALA A 145 -9.99 -0.11 10.84
CA ALA A 145 -10.99 -1.10 10.41
C ALA A 145 -10.31 -2.19 9.60
N THR A 146 -10.76 -3.40 9.83
CA THR A 146 -10.29 -4.56 9.08
C THR A 146 -10.96 -4.58 7.72
N GLU A 147 -10.56 -5.51 6.86
CA GLU A 147 -11.22 -5.63 5.57
C GLU A 147 -12.67 -6.01 5.72
N GLU A 148 -12.96 -6.94 6.61
CA GLU A 148 -14.36 -7.35 6.84
C GLU A 148 -15.19 -6.16 7.28
N GLU A 149 -14.63 -5.34 8.17
CA GLU A 149 -15.32 -4.17 8.64
C GLU A 149 -15.56 -3.13 7.53
N MET A 150 -14.61 -2.97 6.62
CA MET A 150 -14.76 -2.04 5.52
C MET A 150 -15.87 -2.49 4.55
N HIS A 151 -15.97 -3.79 4.35
CA HIS A 151 -16.94 -4.33 3.39
C HIS A 151 -18.37 -4.25 3.92
N LYS A 152 -18.55 -3.92 5.21
CA LYS A 152 -19.91 -3.86 5.77
C LYS A 152 -20.64 -2.57 5.43
N ALA A 153 -19.89 -1.52 5.10
CA ALA A 153 -20.48 -0.23 4.86
C ALA A 153 -19.56 0.74 4.16
N TRP A 154 -20.12 1.49 3.23
CA TRP A 154 -19.36 2.34 2.35
C TRP A 154 -18.44 3.29 3.09
N ASN A 155 -18.87 3.92 4.18
CA ASN A 155 -18.11 4.97 4.83
CA ASN A 155 -18.04 4.97 4.74
C ASN A 155 -16.88 4.45 5.62
N VAL A 156 -16.90 3.18 5.97
CA VAL A 156 -15.89 2.67 6.91
C VAL A 156 -14.46 2.80 6.35
N GLN A 157 -14.33 2.72 5.04
CA GLN A 157 -13.01 2.91 4.40
C GLN A 157 -12.35 4.25 4.70
N TYR A 158 -13.14 5.31 4.92
CA TYR A 158 -12.56 6.60 5.17
C TYR A 158 -11.93 6.67 6.58
N THR A 159 -12.26 5.72 7.46
CA THR A 159 -11.61 5.70 8.76
C THR A 159 -10.18 5.19 8.72
N ASN A 160 -9.85 4.48 7.64
CA ASN A 160 -8.49 4.06 7.38
C ASN A 160 -7.84 5.04 6.42
N TRP A 161 -7.36 6.16 6.95
CA TRP A 161 -6.92 7.27 6.11
C TRP A 161 -5.47 7.61 6.31
N THR A 162 -4.93 8.38 5.37
CA THR A 162 -3.56 8.82 5.43
C THR A 162 -3.39 10.15 4.73
N THR A 163 -2.34 10.88 5.10
CA THR A 163 -1.81 11.87 4.20
C THR A 163 -0.79 11.22 3.28
N PRO A 164 -0.58 11.79 2.08
CA PRO A 164 0.37 11.08 1.18
C PRO A 164 1.81 11.21 1.63
N ASP A 165 2.17 12.35 2.24
CA ASP A 165 3.51 12.54 2.76
C ASP A 165 3.80 11.62 3.93
N ALA A 166 2.80 11.29 4.74
CA ALA A 166 3.01 10.27 5.79
C ALA A 166 3.48 8.97 5.12
N THR A 167 2.79 8.58 4.05
CA THR A 167 3.11 7.33 3.42
C THR A 167 4.56 7.26 2.98
N VAL A 168 5.04 8.29 2.27
CA VAL A 168 6.39 8.23 1.77
C VAL A 168 7.44 8.38 2.91
N GLN A 169 7.12 9.11 3.97
CA GLN A 169 7.96 9.11 5.18
C GLN A 169 8.13 7.70 5.71
N LEU A 170 7.02 6.98 5.81
CA LEU A 170 7.08 5.60 6.26
C LEU A 170 7.84 4.72 5.31
N LEU A 171 7.57 4.85 4.01
CA LEU A 171 8.29 4.04 3.01
C LEU A 171 9.79 4.25 3.06
N LYS A 172 10.22 5.48 3.34
CA LYS A 172 11.64 5.79 3.43
C LYS A 172 12.31 5.20 4.69
N LYS A 173 11.63 5.28 5.83
CA LYS A 173 12.08 4.62 7.07
C LYS A 173 12.25 3.14 6.80
N PHE A 174 11.27 2.58 6.09
CA PHE A 174 11.34 1.15 5.78
C PHE A 174 12.53 0.84 4.85
N TYR A 175 12.67 1.58 3.75
CA TYR A 175 13.65 1.23 2.72
C TYR A 175 15.06 1.31 3.26
N LYS A 176 15.27 2.22 4.19
CA LYS A 176 16.57 2.37 4.80
C LYS A 176 16.76 1.33 5.90
N ASN A 177 15.86 0.35 5.94
CA ASN A 177 15.83 -0.67 6.99
C ASN A 177 16.04 -0.11 8.38
N GLU A 178 15.20 0.87 8.73
CA GLU A 178 15.13 1.43 10.06
C GLU A 178 14.03 0.82 10.93
N ILE A 179 13.24 -0.07 10.34
CA ILE A 179 12.11 -0.69 11.06
C ILE A 179 12.32 -2.17 11.43
N LEU A 180 12.82 -2.99 10.53
CA LEU A 180 12.80 -4.45 10.73
C LEU A 180 14.21 -5.05 10.87
N SER A 181 14.27 -6.34 11.19
CA SER A 181 15.51 -7.09 10.99
C SER A 181 15.90 -7.09 9.52
N LYS A 182 17.16 -7.42 9.24
CA LYS A 182 17.59 -7.56 7.85
C LYS A 182 16.75 -8.59 7.07
N ASN A 183 16.51 -9.76 7.67
CA ASN A 183 15.80 -10.84 7.00
C ASN A 183 14.35 -10.45 6.72
N SER A 184 13.73 -9.81 7.70
CA SER A 184 12.33 -9.41 7.51
C SER A 184 12.23 -8.28 6.49
N TYR A 185 13.15 -7.33 6.56
CA TYR A 185 13.25 -6.29 5.53
C TYR A 185 13.41 -6.90 4.16
N ASP A 186 14.39 -7.80 3.98
CA ASP A 186 14.61 -8.43 2.70
CA ASP A 186 14.61 -8.41 2.68
C ASP A 186 13.33 -9.09 2.23
N PHE A 187 12.71 -9.84 3.14
CA PHE A 187 11.47 -10.56 2.85
C PHE A 187 10.31 -9.65 2.42
N LEU A 188 10.09 -8.59 3.16
CA LEU A 188 9.01 -7.68 2.78
C LEU A 188 9.32 -6.93 1.51
N LEU A 189 10.58 -6.48 1.36
CA LEU A 189 10.93 -5.82 0.09
C LEU A 189 10.76 -6.73 -1.11
N ASN A 190 11.24 -7.99 -1.04
CA ASN A 190 11.07 -8.89 -2.15
C ASN A 190 9.57 -9.08 -2.43
N THR A 191 8.79 -9.15 -1.36
CA THR A 191 7.36 -9.42 -1.49
C THR A 191 6.66 -8.23 -2.23
N MET A 192 7.12 -7.03 -1.92
CA MET A 192 6.62 -5.82 -2.61
C MET A 192 7.05 -5.63 -4.07
N ILE A 193 8.25 -6.13 -4.42
CA ILE A 193 8.64 -6.22 -5.81
C ILE A 193 7.88 -7.27 -6.59
N GLU A 194 7.55 -8.37 -5.89
CA GLU A 194 6.78 -9.46 -6.42
C GLU A 194 5.31 -9.15 -6.59
N THR A 195 4.85 -8.02 -6.07
CA THR A 195 3.46 -7.61 -6.28
C THR A 195 3.03 -7.74 -7.72
N THR A 196 1.85 -8.35 -7.96
CA THR A 196 1.35 -8.53 -9.29
C THR A 196 0.19 -7.57 -9.61
N THR A 197 -0.39 -6.97 -8.58
CA THR A 197 -1.54 -6.08 -8.75
C THR A 197 -1.09 -4.74 -9.31
N GLY A 198 -2.04 -4.02 -9.89
CA GLY A 198 -1.75 -2.68 -10.35
C GLY A 198 -0.65 -2.49 -11.34
N PRO A 199 -0.55 -3.34 -12.34
CA PRO A 199 0.62 -3.18 -13.18
C PRO A 199 0.53 -1.97 -14.12
N LYS A 200 -0.66 -1.39 -14.27
CA LYS A 200 -0.81 -0.15 -15.03
C LYS A 200 -1.01 1.09 -14.14
N ARG A 201 -0.48 1.00 -12.92
CA ARG A 201 -0.48 2.14 -11.99
C ARG A 201 0.90 2.75 -11.93
N LEU A 202 1.61 2.73 -10.78
CA LEU A 202 2.93 3.31 -10.76
C LEU A 202 3.83 2.80 -11.88
N LYS A 203 3.80 1.49 -12.13
CA LYS A 203 4.63 0.83 -13.14
CA LYS A 203 4.72 0.99 -13.15
C LYS A 203 4.21 1.11 -14.59
N GLY A 204 3.03 1.70 -14.80
CA GLY A 204 2.37 1.59 -16.09
C GLY A 204 3.14 2.13 -17.28
N LEU A 205 3.74 3.29 -17.09
CA LEU A 205 4.45 3.97 -18.18
C LEU A 205 5.96 4.06 -17.96
N LEU A 206 6.49 3.31 -17.00
CA LEU A 206 7.93 3.25 -16.77
C LEU A 206 8.57 2.20 -17.69
N PRO A 207 9.88 2.33 -17.92
CA PRO A 207 10.49 1.38 -18.85
C PRO A 207 10.29 -0.06 -18.36
N ASP A 208 10.13 -0.99 -19.30
CA ASP A 208 10.13 -2.40 -18.96
C ASP A 208 11.30 -2.73 -18.05
N GLY A 209 10.99 -3.45 -16.98
CA GLY A 209 11.99 -3.98 -16.08
C GLY A 209 12.35 -3.06 -14.94
N THR A 210 11.74 -1.88 -14.88
CA THR A 210 12.03 -0.97 -13.76
C THR A 210 11.59 -1.67 -12.47
N VAL A 211 12.43 -1.64 -11.44
CA VAL A 211 12.08 -2.23 -10.15
C VAL A 211 11.14 -1.29 -9.41
N VAL A 212 9.97 -1.82 -9.05
CA VAL A 212 8.92 -1.08 -8.32
C VAL A 212 8.38 -1.97 -7.22
N ALA A 213 8.78 -1.64 -6.01
CA ALA A 213 8.33 -2.32 -4.79
C ALA A 213 7.11 -1.59 -4.32
N HIS A 214 5.94 -2.21 -4.43
CA HIS A 214 4.72 -1.44 -4.22
C HIS A 214 3.55 -2.21 -3.67
N LYS A 215 2.54 -1.46 -3.24
CA LYS A 215 1.29 -2.02 -2.76
C LYS A 215 0.13 -1.14 -3.23
N THR A 216 -0.85 -1.76 -3.85
CA THR A 216 -1.96 -1.04 -4.46
C THR A 216 -3.16 -0.99 -3.50
N GLY A 217 -4.17 -0.20 -3.85
CA GLY A 217 -5.48 -0.30 -3.18
C GLY A 217 -6.55 0.22 -4.09
N SER A 218 -7.75 -0.31 -3.90
CA SER A 218 -8.89 0.06 -4.77
C SER A 218 -10.16 0.02 -3.91
N SER A 219 -11.09 0.91 -4.20
CA SER A 219 -12.45 0.74 -3.69
C SER A 219 -13.38 0.32 -4.81
N ASP A 220 -14.62 0.08 -4.44
CA ASP A 220 -15.65 -0.05 -5.44
C ASP A 220 -16.17 1.36 -5.80
N THR A 221 -17.20 1.37 -6.64
CA THR A 221 -17.86 2.60 -7.06
C THR A 221 -19.27 2.57 -6.48
N ASN A 222 -19.74 3.71 -5.99
CA ASN A 222 -21.04 3.75 -5.35
C ASN A 222 -22.13 4.04 -6.38
N ASN A 223 -23.37 4.13 -5.89
CA ASN A 223 -24.53 4.34 -6.75
C ASN A 223 -24.53 5.74 -7.39
N LYS A 224 -23.66 6.64 -6.94
CA LYS A 224 -23.50 7.96 -7.56
C LYS A 224 -22.36 8.03 -8.55
N GLY A 225 -21.69 6.91 -8.82
CA GLY A 225 -20.64 6.92 -9.81
C GLY A 225 -19.28 7.34 -9.24
N ILE A 226 -19.17 7.38 -7.93
CA ILE A 226 -17.89 7.79 -7.28
C ILE A 226 -17.07 6.56 -6.85
N THR A 227 -15.83 6.51 -7.31
CA THR A 227 -14.87 5.54 -6.83
C THR A 227 -13.99 6.22 -5.74
N ALA A 228 -14.18 5.76 -4.51
CA ALA A 228 -13.53 6.37 -3.36
C ALA A 228 -12.01 6.39 -3.45
N ALA A 229 -11.43 5.26 -3.89
CA ALA A 229 -9.97 5.08 -3.84
C ALA A 229 -9.43 4.26 -5.00
N THR A 230 -8.41 4.80 -5.65
CA THR A 230 -7.58 4.05 -6.59
C THR A 230 -6.14 4.53 -6.32
N ASN A 231 -5.35 3.65 -5.69
CA ASN A 231 -4.11 4.04 -5.06
C ASN A 231 -2.96 3.13 -5.50
N ASP A 232 -1.74 3.63 -5.37
CA ASP A 232 -0.51 2.82 -5.49
C ASP A 232 0.61 3.54 -4.76
N ILE A 233 1.34 2.79 -3.92
CA ILE A 233 2.42 3.34 -3.10
C ILE A 233 3.64 2.46 -3.23
N GLY A 234 4.84 3.02 -3.21
CA GLY A 234 6.03 2.14 -3.33
C GLY A 234 7.32 2.87 -3.39
N ILE A 235 8.36 2.09 -3.66
CA ILE A 235 9.72 2.60 -3.82
C ILE A 235 10.20 2.15 -5.18
N ILE A 236 10.76 3.09 -5.96
CA ILE A 236 11.16 2.81 -7.32
C ILE A 236 12.66 2.99 -7.46
N THR A 237 13.28 2.08 -8.22
CA THR A 237 14.71 2.12 -8.49
C THR A 237 14.94 2.82 -9.81
N LEU A 238 15.81 3.83 -9.75
CA LEU A 238 16.20 4.57 -10.94
C LEU A 238 17.28 3.81 -11.71
N PRO A 239 17.57 4.27 -12.93
CA PRO A 239 18.57 3.58 -13.73
C PRO A 239 19.96 3.61 -13.15
N ASN A 240 20.22 4.52 -12.23
CA ASN A 240 21.49 4.60 -11.52
C ASN A 240 21.50 4.06 -10.11
N GLY A 241 20.49 3.25 -9.78
CA GLY A 241 20.50 2.52 -8.53
C GLY A 241 19.91 3.28 -7.36
N LYS A 242 19.72 4.58 -7.52
CA LYS A 242 19.13 5.38 -6.47
C LYS A 242 17.63 5.05 -6.46
N HIS A 243 16.93 5.57 -5.44
CA HIS A 243 15.52 5.22 -5.22
C HIS A 243 14.67 6.42 -4.86
N PHE A 244 13.38 6.36 -5.20
CA PHE A 244 12.42 7.31 -4.65
C PHE A 244 11.18 6.58 -4.16
N ALA A 245 10.65 7.09 -3.05
CA ALA A 245 9.34 6.67 -2.57
C ALA A 245 8.27 7.57 -3.14
N ILE A 246 7.19 6.96 -3.62
CA ILE A 246 6.09 7.71 -4.19
C ILE A 246 4.76 7.10 -3.71
N ALA A 247 3.80 7.98 -3.44
CA ALA A 247 2.46 7.55 -3.12
C ALA A 247 1.44 8.38 -3.86
N VAL A 248 0.53 7.73 -4.57
CA VAL A 248 -0.53 8.44 -5.26
C VAL A 248 -1.88 7.88 -4.85
N TYR A 249 -2.78 8.78 -4.43
CA TYR A 249 -4.14 8.40 -4.03
C TYR A 249 -5.13 9.14 -4.92
N VAL A 250 -5.77 8.44 -5.85
CA VAL A 250 -6.85 9.05 -6.64
C VAL A 250 -8.16 8.80 -5.92
N SER A 251 -8.73 9.84 -5.29
CA SER A 251 -9.85 9.64 -4.40
C SER A 251 -11.12 10.33 -4.89
N ASP A 252 -12.25 9.81 -4.42
CA ASP A 252 -13.58 10.35 -4.72
C ASP A 252 -13.75 10.75 -6.17
N SER A 253 -13.41 9.78 -7.03
CA SER A 253 -13.31 10.06 -8.43
C SER A 253 -14.58 9.73 -9.20
N SER A 254 -14.97 10.68 -10.03
CA SER A 254 -16.00 10.48 -11.02
C SER A 254 -15.50 9.86 -12.31
N GLU A 255 -14.19 9.66 -12.42
CA GLU A 255 -13.60 9.11 -13.65
C GLU A 255 -13.67 7.59 -13.66
N LYS A 256 -13.65 7.02 -14.86
CA LYS A 256 -13.66 5.59 -14.97
C LYS A 256 -12.31 5.01 -14.55
N SER A 257 -12.29 3.69 -14.34
CA SER A 257 -11.13 3.02 -13.79
C SER A 257 -9.89 3.13 -14.67
N ASP A 258 -10.05 3.13 -15.98
CA ASP A 258 -8.90 3.29 -16.82
C ASP A 258 -8.23 4.66 -16.64
N VAL A 259 -9.04 5.68 -16.45
CA VAL A 259 -8.52 7.04 -16.21
C VAL A 259 -7.87 7.14 -14.83
N ASN A 260 -8.47 6.52 -13.84
CA ASN A 260 -7.94 6.57 -12.49
C ASN A 260 -6.55 5.93 -12.44
N GLU A 261 -6.37 4.80 -13.11
CA GLU A 261 -5.07 4.17 -13.17
C GLU A 261 -4.08 5.00 -13.95
N LYS A 262 -4.53 5.56 -15.08
CA LYS A 262 -3.69 6.37 -15.90
C LYS A 262 -3.20 7.61 -15.18
N ILE A 263 -4.00 8.16 -14.28
CA ILE A 263 -3.54 9.30 -13.48
C ILE A 263 -2.30 8.92 -12.67
N ILE A 264 -2.34 7.75 -12.06
CA ILE A 264 -1.18 7.29 -11.30
C ILE A 264 0.03 7.08 -12.19
N ALA A 265 -0.20 6.45 -13.33
CA ALA A 265 0.87 6.07 -14.25
C ALA A 265 1.55 7.32 -14.83
N GLU A 266 0.73 8.31 -15.18
CA GLU A 266 1.22 9.53 -15.79
C GLU A 266 1.96 10.40 -14.78
N ILE A 267 1.43 10.49 -13.56
CA ILE A 267 2.11 11.26 -12.51
C ILE A 267 3.46 10.61 -12.19
N CYS A 268 3.47 9.30 -12.06
CA CYS A 268 4.71 8.59 -11.81
C CYS A 268 5.73 8.80 -12.94
N LYS A 269 5.28 8.71 -14.18
CA LYS A 269 6.13 8.91 -15.36
C LYS A 269 6.75 10.30 -15.33
N SER A 270 5.94 11.30 -14.97
CA SER A 270 6.42 12.68 -14.89
C SER A 270 7.54 12.76 -13.87
N VAL A 271 7.36 12.12 -12.72
CA VAL A 271 8.37 12.16 -11.67
C VAL A 271 9.64 11.42 -12.11
N TRP A 272 9.43 10.24 -12.68
CA TRP A 272 10.53 9.44 -13.23
C TRP A 272 11.33 10.25 -14.26
N ASP A 273 10.63 10.86 -15.22
CA ASP A 273 11.31 11.61 -16.28
C ASP A 273 12.14 12.74 -15.68
N TYR A 274 11.63 13.43 -14.65
CA TYR A 274 12.38 14.49 -13.98
C TYR A 274 13.62 13.97 -13.27
N LEU A 275 13.46 12.87 -12.52
CA LEU A 275 14.57 12.37 -11.74
C LEU A 275 15.66 11.71 -12.62
N VAL A 276 15.31 11.10 -13.75
CA VAL A 276 16.35 10.49 -14.60
C VAL A 276 17.16 11.57 -15.32
N LYS A 277 16.48 12.62 -15.75
CA LYS A 277 17.09 13.83 -16.30
C LYS A 277 17.84 14.59 -15.21
OAC NXL B . -7.65 -2.26 -1.78
CAN NXL B . -7.59 -3.47 -1.58
N NXL B . -8.44 -4.31 -1.98
CAJ NXL B . -8.15 -5.73 -1.98
CA NXL B . -9.67 -3.85 -2.59
C NXL B . -10.92 -4.15 -1.83
O NXL B . -10.91 -4.86 -0.85
NAA NXL B . -12.04 -3.70 -2.40
CB NXL B . -9.77 -4.41 -3.98
CAH NXL B . -9.46 -5.89 -4.04
CAO NXL B . -8.12 -6.22 -3.40
NAK NXL B . -6.91 -5.76 -4.11
OAL NXL B . -7.05 -4.74 -4.92
SAR NXL B . -5.78 -3.94 -5.21
OAD NXL B . -5.31 -4.48 -6.44
OAE NXL B . -5.95 -2.55 -5.47
OAG NXL B . -4.98 -3.96 -3.78
S SO4 C . 17.09 -2.72 -6.23
O1 SO4 C . 18.02 -3.39 -5.29
O2 SO4 C . 15.83 -3.37 -5.87
O3 SO4 C . 17.19 -1.30 -5.84
O4 SO4 C . 17.62 -3.00 -7.57
S SO4 D . -5.28 -3.47 -11.26
O1 SO4 D . -4.50 -2.21 -11.23
O2 SO4 D . -4.90 -4.29 -10.12
O3 SO4 D . -6.70 -3.08 -11.22
O4 SO4 D . -5.07 -4.19 -12.56
S SO4 E . 21.98 -5.19 3.93
O1 SO4 E . 23.15 -4.81 4.78
O2 SO4 E . 21.36 -6.40 4.50
O3 SO4 E . 20.96 -4.07 3.90
O4 SO4 E . 22.43 -5.42 2.53
S SO4 F . -3.35 -2.54 22.23
O1 SO4 F . -3.36 -1.19 22.86
O2 SO4 F . -3.60 -3.66 23.18
O3 SO4 F . -4.45 -2.57 21.20
O4 SO4 F . -2.04 -2.74 21.59
CL CL G . 12.79 -1.81 7.74
CL CL H . -13.28 -7.35 -2.27
NA NA I . 2.46 -22.64 4.07
NA NA J . 1.12 -15.32 -3.05
NA NA K . 0.19 16.45 5.13
NA NA L . 1.71 14.04 7.15
NA NA M . -3.26 -1.89 -13.22
NA NA N . 2.66 -4.94 -10.23
NA NA O . 1.30 -25.18 4.43
NA NA P . -5.57 -3.75 18.86
NA NA Q . -15.89 0.92 3.26
NA NA R . 17.37 9.35 -4.02
NA NA S . -11.96 -21.84 1.83
NA NA T . 5.67 -5.15 -8.78
NA NA U . -6.69 16.56 -7.62
NA NA V . 0.16 8.07 12.67
NA NA W . -15.85 6.31 -10.85
NA NA X . -10.70 1.53 -7.57
NA NA Y . -8.18 0.51 15.63
C1 GOL Z . -14.81 -1.13 -1.97
O1 GOL Z . -15.63 0.01 -1.63
C2 GOL Z . -15.13 -2.43 -1.22
O2 GOL Z . -15.00 -3.53 -2.14
C3 GOL Z . -14.18 -2.67 -0.06
O3 GOL Z . -14.90 -2.94 1.14
#